data_8QAA
#
_entry.id   8QAA
#
_cell.length_a   29.274
_cell.length_b   89.496
_cell.length_c   32.667
_cell.angle_alpha   90.00
_cell.angle_beta   115.21
_cell.angle_gamma   90.00
#
_symmetry.space_group_name_H-M   'P 1 21 1'
#
loop_
_entity.id
_entity.type
_entity.pdbx_description
1 polymer 'antiparallel 6-helix bundle-ALIA'
2 water water
#
_entity_poly.entity_id   1
_entity_poly.type   'polypeptide(L)'
_entity_poly.pdbx_seq_one_letter_code
;(ACE)GALEEIAQALEEIAKALKKIAWALKKIAQG(NH2)
;
_entity_poly.pdbx_strand_id   A,B,C,D,E,F
#
# COMPACT_ATOMS: atom_id res chain seq x y z
N GLY A 2 22.42 -7.21 -5.56
CA GLY A 2 22.81 -5.99 -4.88
C GLY A 2 21.73 -5.41 -3.99
N ALA A 3 21.70 -4.07 -3.91
CA ALA A 3 20.76 -3.40 -3.04
C ALA A 3 19.33 -3.66 -3.47
N LEU A 4 19.07 -3.66 -4.78
CA LEU A 4 17.69 -3.83 -5.24
C LEU A 4 17.15 -5.20 -4.85
N GLU A 5 17.98 -6.23 -4.84
CA GLU A 5 17.51 -7.53 -4.37
C GLU A 5 17.13 -7.46 -2.89
N GLU A 6 17.92 -6.76 -2.08
CA GLU A 6 17.57 -6.61 -0.68
C GLU A 6 16.24 -5.87 -0.52
N ILE A 7 16.04 -4.82 -1.31
CA ILE A 7 14.80 -4.04 -1.24
C ILE A 7 13.60 -4.90 -1.61
N ALA A 8 13.75 -5.74 -2.64
CA ALA A 8 12.66 -6.62 -3.04
C ALA A 8 12.35 -7.63 -1.95
N GLN A 9 13.38 -8.19 -1.31
CA GLN A 9 13.13 -9.14 -0.21
C GLN A 9 12.44 -8.46 0.96
N ALA A 10 12.86 -7.24 1.28
CA ALA A 10 12.19 -6.50 2.35
C ALA A 10 10.75 -6.21 1.98
N LEU A 11 10.49 -5.83 0.74
CA LEU A 11 9.11 -5.58 0.32
C LEU A 11 8.26 -6.86 0.41
N GLU A 12 8.86 -8.01 0.06
CA GLU A 12 8.14 -9.27 0.23
C GLU A 12 7.82 -9.54 1.69
N GLU A 13 8.72 -9.15 2.59
CA GLU A 13 8.44 -9.34 4.01
C GLU A 13 7.34 -8.41 4.49
N ILE A 14 7.32 -7.17 3.97
CA ILE A 14 6.25 -6.23 4.28
C ILE A 14 4.92 -6.76 3.78
N ALA A 15 4.90 -7.34 2.58
CA ALA A 15 3.66 -7.86 2.04
C ALA A 15 3.14 -9.02 2.88
N LYS A 16 4.04 -9.92 3.31
CA LYS A 16 3.62 -11.05 4.13
C LYS A 16 3.00 -10.57 5.44
N ALA A 17 3.61 -9.57 6.07
CA ALA A 17 3.07 -9.02 7.30
C ALA A 17 1.74 -8.32 7.07
N LEU A 18 1.61 -7.57 5.96
CA LEU A 18 0.35 -6.90 5.67
C LEU A 18 -0.77 -7.92 5.47
N LYS A 19 -0.46 -9.06 4.84
CA LYS A 19 -1.49 -10.09 4.69
C LYS A 19 -1.99 -10.58 6.05
N LYS A 20 -1.07 -10.81 6.99
CA LYS A 20 -1.45 -11.25 8.32
C LYS A 20 -2.27 -10.19 9.04
N ILE A 21 -1.91 -8.91 8.86
CA ILE A 21 -2.70 -7.83 9.45
C ILE A 21 -4.11 -7.81 8.88
N ALA A 22 -4.23 -7.93 7.56
CA ALA A 22 -5.54 -7.95 6.93
C ALA A 22 -6.39 -9.10 7.44
N TRP A 23 -5.81 -10.29 7.58
CA TRP A 23 -6.56 -11.42 8.09
C TRP A 23 -7.07 -11.16 9.51
N ALA A 24 -6.22 -10.60 10.38
CA ALA A 24 -6.64 -10.30 11.74
C ALA A 24 -7.77 -9.28 11.76
N LEU A 25 -7.69 -8.27 10.88
CA LEU A 25 -8.75 -7.28 10.82
C LEU A 25 -10.04 -7.91 10.32
N LYS A 26 -9.96 -8.82 9.35
CA LYS A 26 -11.17 -9.51 8.89
C LYS A 26 -11.84 -10.23 10.05
N LYS A 27 -11.06 -10.95 10.86
CA LYS A 27 -11.65 -11.69 11.98
C LYS A 27 -12.27 -10.77 13.02
N ILE A 28 -11.63 -9.63 13.31
CA ILE A 28 -12.22 -8.62 14.18
C ILE A 28 -13.57 -8.15 13.63
N ALA A 29 -13.59 -7.86 12.32
CA ALA A 29 -14.81 -7.37 11.69
C ALA A 29 -15.92 -8.41 11.73
N GLN A 30 -15.56 -9.70 11.77
CA GLN A 30 -16.54 -10.78 11.80
C GLN A 30 -17.06 -11.04 13.20
N GLY A 31 -16.40 -10.49 14.22
CA GLY A 31 -16.79 -10.67 15.60
C GLY A 31 -15.62 -11.11 16.46
N GLY B 2 8.70 -7.04 -19.17
CA GLY B 2 7.43 -7.11 -18.45
C GLY B 2 7.46 -6.63 -17.02
N ALA B 3 8.63 -6.30 -16.50
CA ALA B 3 8.72 -5.94 -15.09
C ALA B 3 8.00 -4.63 -14.81
N LEU B 4 8.27 -3.60 -15.60
CA LEU B 4 7.65 -2.31 -15.33
C LEU B 4 6.14 -2.38 -15.54
N GLU B 5 5.68 -3.10 -16.56
CA GLU B 5 4.24 -3.25 -16.77
C GLU B 5 3.59 -4.00 -15.62
N GLU B 6 4.29 -4.97 -15.06
CA GLU B 6 3.76 -5.69 -13.90
C GLU B 6 3.58 -4.77 -12.72
N ILE B 7 4.57 -3.92 -12.48
CA ILE B 7 4.48 -2.97 -11.37
C ILE B 7 3.37 -1.96 -11.61
N ALA B 8 3.21 -1.49 -12.85
CA ALA B 8 2.14 -0.55 -13.16
C ALA B 8 0.77 -1.17 -12.87
N GLN B 9 0.60 -2.45 -13.23
CA GLN B 9 -0.65 -3.14 -12.97
C GLN B 9 -0.88 -3.29 -11.47
N ALA B 10 0.18 -3.59 -10.72
CA ALA B 10 0.07 -3.69 -9.27
C ALA B 10 -0.33 -2.37 -8.63
N LEU B 11 0.26 -1.26 -9.09
CA LEU B 11 -0.10 0.06 -8.55
C LEU B 11 -1.54 0.40 -8.86
N GLU B 12 -2.03 -0.01 -10.03
CA GLU B 12 -3.43 0.25 -10.38
C GLU B 12 -4.38 -0.55 -9.49
N GLU B 13 -4.01 -1.80 -9.17
CA GLU B 13 -4.81 -2.59 -8.23
C GLU B 13 -4.78 -2.00 -6.83
N ILE B 14 -3.63 -1.47 -6.39
CA ILE B 14 -3.58 -0.81 -5.10
C ILE B 14 -4.48 0.43 -5.12
N ALA B 15 -4.44 1.21 -6.20
CA ALA B 15 -5.30 2.39 -6.30
C ALA B 15 -6.76 2.02 -6.17
N LYS B 16 -7.18 0.95 -6.86
CA LYS B 16 -8.55 0.48 -6.73
C LYS B 16 -8.89 0.10 -5.29
N ALA B 17 -7.95 -0.58 -4.61
CA ALA B 17 -8.15 -1.00 -3.23
C ALA B 17 -8.29 0.21 -2.30
N LEU B 18 -7.50 1.26 -2.54
CA LEU B 18 -7.58 2.46 -1.72
C LEU B 18 -8.91 3.16 -1.93
N LYS B 19 -9.39 3.21 -3.18
CA LYS B 19 -10.73 3.75 -3.41
C LYS B 19 -11.80 2.95 -2.67
N LYS B 20 -11.67 1.62 -2.65
CA LYS B 20 -12.60 0.77 -1.90
C LYS B 20 -12.54 1.09 -0.41
N ILE B 21 -11.34 1.30 0.12
CA ILE B 21 -11.20 1.63 1.53
C ILE B 21 -11.82 2.99 1.81
N ALA B 22 -11.53 3.99 0.95
CA ALA B 22 -12.17 5.29 1.12
C ALA B 22 -13.68 5.17 1.15
N TRP B 23 -14.25 4.41 0.20
CA TRP B 23 -15.70 4.23 0.18
C TRP B 23 -16.21 3.60 1.47
N ALA B 24 -15.51 2.58 1.99
CA ALA B 24 -15.92 1.94 3.23
C ALA B 24 -15.85 2.92 4.40
N LEU B 25 -14.82 3.76 4.42
CA LEU B 25 -14.71 4.72 5.51
C LEU B 25 -15.88 5.70 5.49
N LYS B 26 -16.26 6.20 4.31
CA LYS B 26 -17.44 7.07 4.26
C LYS B 26 -18.69 6.35 4.74
N LYS B 27 -18.86 5.07 4.38
CA LYS B 27 -20.04 4.32 4.83
C LYS B 27 -20.05 4.19 6.34
N ILE B 28 -18.89 3.88 6.92
CA ILE B 28 -18.79 3.82 8.38
C ILE B 28 -19.13 5.17 8.98
N ALA B 29 -18.54 6.24 8.42
CA ALA B 29 -18.76 7.58 8.96
C ALA B 29 -20.23 7.98 8.91
N GLN B 30 -20.92 7.61 7.83
CA GLN B 30 -22.29 8.05 7.65
C GLN B 30 -23.25 7.34 8.59
N GLY B 31 -22.86 6.19 9.11
CA GLY B 31 -23.69 5.46 10.06
C GLY B 31 -25.04 5.05 9.48
N GLY C 2 -15.96 14.69 8.79
CA GLY C 2 -15.29 14.20 9.97
C GLY C 2 -13.97 13.51 9.70
N ALA C 3 -13.44 12.85 10.74
CA ALA C 3 -12.08 12.32 10.67
C ALA C 3 -11.97 11.24 9.61
N LEU C 4 -12.92 10.31 9.58
CA LEU C 4 -12.84 9.23 8.60
C LEU C 4 -13.05 9.76 7.20
N GLU C 5 -13.99 10.70 7.03
CA GLU C 5 -14.24 11.29 5.71
C GLU C 5 -13.03 12.06 5.20
N GLU C 6 -12.27 12.67 6.09
CA GLU C 6 -11.05 13.36 5.69
C GLU C 6 -10.00 12.37 5.20
N ILE C 7 -9.85 11.28 5.94
CA ILE C 7 -8.92 10.24 5.50
C ILE C 7 -9.34 9.69 4.15
N ALA C 8 -10.64 9.45 3.95
CA ALA C 8 -11.11 8.91 2.68
C ALA C 8 -10.71 9.82 1.52
N GLN C 9 -10.83 11.14 1.68
CA GLN C 9 -10.39 12.07 0.64
C GLN C 9 -8.92 11.92 0.34
N ALA C 10 -8.09 11.82 1.40
CA ALA C 10 -6.65 11.67 1.21
C ALA C 10 -6.34 10.36 0.49
N LEU C 11 -7.04 9.29 0.83
CA LEU C 11 -6.76 8.02 0.17
C LEU C 11 -7.14 8.08 -1.29
N GLU C 12 -8.21 8.80 -1.63
CA GLU C 12 -8.56 9.00 -3.03
C GLU C 12 -7.49 9.77 -3.79
N GLU C 13 -6.83 10.73 -3.13
CA GLU C 13 -5.77 11.46 -3.80
C GLU C 13 -4.56 10.58 -4.01
N ILE C 14 -4.24 9.73 -3.03
CA ILE C 14 -3.12 8.80 -3.20
C ILE C 14 -3.40 7.84 -4.34
N ALA C 15 -4.65 7.38 -4.43
CA ALA C 15 -5.02 6.48 -5.51
C ALA C 15 -4.78 7.11 -6.87
N LYS C 16 -5.13 8.41 -7.01
CA LYS C 16 -4.86 9.12 -8.26
C LYS C 16 -3.36 9.21 -8.51
N ALA C 17 -2.58 9.48 -7.47
CA ALA C 17 -1.13 9.60 -7.63
C ALA C 17 -0.53 8.28 -8.12
N LEU C 18 -0.99 7.16 -7.57
CA LEU C 18 -0.49 5.84 -7.98
C LEU C 18 -0.84 5.54 -9.43
N LYS C 19 -2.05 5.91 -9.87
CA LYS C 19 -2.42 5.68 -11.26
C LYS C 19 -1.58 6.54 -12.20
N LYS C 20 -1.20 7.75 -11.78
CA LYS C 20 -0.27 8.56 -12.57
C LYS C 20 1.09 7.88 -12.68
N ILE C 21 1.61 7.37 -11.56
CA ILE C 21 2.92 6.70 -11.61
C ILE C 21 2.85 5.45 -12.48
N ALA C 22 1.75 4.70 -12.37
CA ALA C 22 1.56 3.51 -13.22
C ALA C 22 1.67 3.87 -14.70
N TRP C 23 1.03 4.97 -15.11
CA TRP C 23 1.14 5.38 -16.52
C TRP C 23 2.57 5.81 -16.86
N ALA C 24 3.26 6.46 -15.92
CA ALA C 24 4.65 6.85 -16.20
C ALA C 24 5.50 5.61 -16.45
N LEU C 25 5.25 4.55 -15.70
CA LEU C 25 6.01 3.32 -15.87
C LEU C 25 5.67 2.64 -17.19
N LYS C 26 4.39 2.63 -17.56
CA LYS C 26 4.01 2.08 -18.85
C LYS C 26 4.67 2.86 -19.97
N LYS C 27 4.75 4.19 -19.82
CA LYS C 27 5.39 5.01 -20.85
C LYS C 27 6.86 4.64 -20.99
N ILE C 28 7.54 4.43 -19.87
CA ILE C 28 8.96 4.05 -19.92
C ILE C 28 9.11 2.70 -20.61
N ALA C 29 8.26 1.73 -20.26
CA ALA C 29 8.33 0.41 -20.87
C ALA C 29 8.08 0.49 -22.37
N GLN C 30 7.06 1.26 -22.77
CA GLN C 30 6.71 1.34 -24.18
C GLN C 30 7.76 2.09 -25.01
N GLY C 31 8.37 3.13 -24.42
CA GLY C 31 9.33 3.94 -25.14
C GLY C 31 10.75 3.54 -24.82
N GLY D 2 -6.32 -2.42 22.95
CA GLY D 2 -7.53 -2.70 22.13
C GLY D 2 -7.25 -3.49 20.86
N ALA D 3 -8.27 -4.18 20.36
CA ALA D 3 -8.08 -5.00 19.16
C ALA D 3 -7.69 -4.14 17.96
N LEU D 4 -8.49 -3.12 17.65
CA LEU D 4 -8.18 -2.30 16.48
C LEU D 4 -6.92 -1.46 16.69
N GLU D 5 -6.60 -1.11 17.94
CA GLU D 5 -5.38 -0.37 18.20
C GLU D 5 -4.16 -1.20 17.91
N GLU D 6 -4.22 -2.51 18.18
CA GLU D 6 -3.11 -3.40 17.84
C GLU D 6 -2.94 -3.53 16.33
N ILE D 7 -4.05 -3.67 15.61
CA ILE D 7 -3.98 -3.68 14.15
C ILE D 7 -3.34 -2.39 13.64
N ALA D 8 -3.78 -1.24 14.19
CA ALA D 8 -3.27 0.05 13.72
C ALA D 8 -1.78 0.18 14.04
N GLN D 9 -1.37 -0.25 15.23
CA GLN D 9 0.05 -0.20 15.58
C GLN D 9 0.87 -1.02 14.59
N ALA D 10 0.39 -2.22 14.24
CA ALA D 10 1.11 -3.06 13.29
C ALA D 10 1.16 -2.39 11.92
N LEU D 11 0.06 -1.78 11.51
CA LEU D 11 0.03 -1.09 10.22
C LEU D 11 0.99 0.09 10.21
N GLU D 12 1.05 0.82 11.32
CA GLU D 12 1.99 1.94 11.40
C GLU D 12 3.43 1.46 11.27
N GLU D 13 3.78 0.33 11.89
CA GLU D 13 5.14 -0.20 11.75
C GLU D 13 5.42 -0.63 10.31
N ILE D 14 4.43 -1.27 9.66
CA ILE D 14 4.56 -1.63 8.25
C ILE D 14 4.84 -0.39 7.42
N ALA D 15 4.08 0.66 7.66
CA ALA D 15 4.23 1.88 6.87
C ALA D 15 5.58 2.52 7.10
N LYS D 16 6.08 2.51 8.34
CA LYS D 16 7.40 3.09 8.59
C LYS D 16 8.48 2.28 7.89
N ALA D 17 8.36 0.95 7.92
CA ALA D 17 9.30 0.11 7.20
C ALA D 17 9.24 0.40 5.70
N LEU D 18 8.04 0.60 5.17
CA LEU D 18 7.91 0.82 3.73
C LEU D 18 8.50 2.18 3.35
N LYS D 19 8.34 3.18 4.22
CA LYS D 19 8.93 4.49 3.93
C LYS D 19 10.45 4.39 3.83
N LYS D 20 11.06 3.56 4.68
CA LYS D 20 12.51 3.39 4.66
C LYS D 20 12.95 2.69 3.38
N ILE D 21 12.24 1.62 3.00
CA ILE D 21 12.54 0.92 1.77
C ILE D 21 12.42 1.88 0.57
N ALA D 22 11.39 2.72 0.59
CA ALA D 22 11.19 3.68 -0.50
C ALA D 22 12.33 4.65 -0.59
N TRP D 23 12.83 5.14 0.55
CA TRP D 23 13.96 6.07 0.52
C TRP D 23 15.21 5.36 0.00
N ALA D 24 15.47 4.16 0.50
CA ALA D 24 16.63 3.41 -0.01
C ALA D 24 16.54 3.21 -1.51
N LEU D 25 15.36 2.86 -2.02
CA LEU D 25 15.22 2.63 -3.46
C LEU D 25 15.44 3.91 -4.23
N LYS D 26 14.96 5.04 -3.70
CA LYS D 26 15.21 6.33 -4.33
C LYS D 26 16.71 6.58 -4.46
N LYS D 27 17.45 6.33 -3.38
CA LYS D 27 18.88 6.63 -3.42
C LYS D 27 19.61 5.70 -4.38
N ILE D 28 19.24 4.42 -4.42
CA ILE D 28 19.82 3.49 -5.38
C ILE D 28 19.51 3.93 -6.80
N ALA D 29 18.26 4.35 -7.03
CA ALA D 29 17.84 4.78 -8.35
C ALA D 29 18.62 6.01 -8.79
N GLN D 30 18.70 7.02 -7.92
CA GLN D 30 19.42 8.25 -8.25
C GLN D 30 20.91 7.98 -8.51
N GLY D 31 21.52 7.10 -7.75
CA GLY D 31 22.91 6.77 -7.94
C GLY D 31 23.16 5.97 -9.20
N GLY E 2 -19.42 -4.97 8.27
CA GLY E 2 -19.27 -5.36 6.87
C GLY E 2 -18.31 -4.46 6.11
N ALA E 3 -18.40 -3.16 6.36
CA ALA E 3 -17.46 -2.21 5.78
C ALA E 3 -16.04 -2.46 6.26
N LEU E 4 -15.88 -2.82 7.54
CA LEU E 4 -14.55 -3.12 8.04
C LEU E 4 -13.99 -4.36 7.37
N GLU E 5 -14.83 -5.35 7.08
CA GLU E 5 -14.38 -6.52 6.34
C GLU E 5 -13.92 -6.13 4.93
N GLU E 6 -14.63 -5.19 4.30
CA GLU E 6 -14.23 -4.68 2.99
C GLU E 6 -12.86 -4.01 3.05
N ILE E 7 -12.59 -3.30 4.15
CA ILE E 7 -11.28 -2.71 4.34
C ILE E 7 -10.23 -3.80 4.44
N ALA E 8 -10.52 -4.87 5.20
CA ALA E 8 -9.58 -5.97 5.32
C ALA E 8 -9.34 -6.64 3.97
N GLN E 9 -10.39 -6.85 3.19
CA GLN E 9 -10.21 -7.45 1.86
C GLN E 9 -9.33 -6.56 0.97
N ALA E 10 -9.53 -5.23 1.04
CA ALA E 10 -8.69 -4.31 0.27
C ALA E 10 -7.24 -4.36 0.72
N LEU E 11 -7.01 -4.50 2.03
CA LEU E 11 -5.64 -4.64 2.50
C LEU E 11 -5.01 -5.93 1.98
N GLU E 12 -5.79 -7.02 1.92
CA GLU E 12 -5.28 -8.27 1.35
C GLU E 12 -4.87 -8.09 -0.12
N GLU E 13 -5.69 -7.36 -0.88
CA GLU E 13 -5.35 -7.06 -2.26
C GLU E 13 -4.10 -6.21 -2.36
N ILE E 14 -3.92 -5.26 -1.44
CA ILE E 14 -2.71 -4.46 -1.47
C ILE E 14 -1.50 -5.32 -1.18
N ALA E 15 -1.63 -6.26 -0.23
CA ALA E 15 -0.51 -7.15 0.07
C ALA E 15 -0.13 -8.01 -1.13
N LYS E 16 -1.13 -8.50 -1.87
CA LYS E 16 -0.80 -9.31 -3.04
C LYS E 16 -0.08 -8.48 -4.08
N ALA E 17 -0.55 -7.24 -4.28
CA ALA E 17 0.06 -6.37 -5.25
C ALA E 17 1.48 -6.02 -4.86
N LEU E 18 1.75 -5.85 -3.58
CA LEU E 18 3.12 -5.59 -3.16
C LEU E 18 3.99 -6.81 -3.40
N LYS E 19 3.44 -8.02 -3.21
CA LYS E 19 4.20 -9.22 -3.58
C LYS E 19 4.58 -9.22 -5.06
N LYS E 20 3.66 -8.79 -5.93
CA LYS E 20 3.98 -8.75 -7.35
C LYS E 20 5.04 -7.69 -7.63
N ILE E 21 4.99 -6.56 -6.93
CA ILE E 21 6.02 -5.55 -7.11
C ILE E 21 7.38 -6.07 -6.66
N ALA E 22 7.41 -6.76 -5.50
CA ALA E 22 8.66 -7.39 -5.04
C ALA E 22 9.19 -8.36 -6.07
N TRP E 23 8.31 -9.16 -6.68
CA TRP E 23 8.77 -10.14 -7.67
C TRP E 23 9.37 -9.44 -8.88
N ALA E 24 8.72 -8.37 -9.36
CA ALA E 24 9.24 -7.63 -10.50
C ALA E 24 10.57 -6.96 -10.18
N LEU E 25 10.70 -6.36 -9.00
CA LEU E 25 11.98 -5.76 -8.64
C LEU E 25 13.07 -6.81 -8.55
N LYS E 26 12.76 -8.00 -8.04
CA LYS E 26 13.75 -9.08 -8.04
C LYS E 26 14.22 -9.40 -9.45
N LYS E 27 13.28 -9.48 -10.40
CA LYS E 27 13.64 -9.77 -11.78
C LYS E 27 14.57 -8.70 -12.33
N ILE E 28 14.30 -7.43 -12.04
CA ILE E 28 15.20 -6.35 -12.46
C ILE E 28 16.56 -6.51 -11.78
N ALA E 29 16.57 -6.83 -10.49
CA ALA E 29 17.84 -6.96 -9.77
C ALA E 29 18.69 -8.08 -10.34
N GLN E 30 18.07 -9.21 -10.63
CA GLN E 30 18.76 -10.40 -11.11
C GLN E 30 18.97 -10.37 -12.62
N GLY E 31 18.62 -9.26 -13.29
CA GLY E 31 18.80 -9.16 -14.73
C GLY E 31 20.20 -8.71 -15.10
N GLY F 2 14.81 7.71 -13.31
CA GLY F 2 14.16 6.71 -14.19
C GLY F 2 13.01 5.96 -13.54
N ALA F 3 12.80 4.72 -13.98
CA ALA F 3 11.65 3.96 -13.50
C ALA F 3 11.76 3.67 -12.01
N LEU F 4 12.96 3.34 -11.52
CA LEU F 4 13.08 2.97 -10.13
C LEU F 4 12.77 4.14 -9.21
N GLU F 5 13.07 5.37 -9.64
CA GLU F 5 12.72 6.54 -8.84
C GLU F 5 11.21 6.72 -8.80
N GLU F 6 10.53 6.40 -9.91
CA GLU F 6 9.06 6.42 -9.91
C GLU F 6 8.53 5.39 -8.94
N ILE F 7 9.08 4.18 -9.01
CA ILE F 7 8.63 3.12 -8.11
C ILE F 7 8.85 3.53 -6.66
N ALA F 8 10.01 4.14 -6.37
CA ALA F 8 10.25 4.60 -5.01
C ALA F 8 9.17 5.58 -4.56
N GLN F 9 8.77 6.50 -5.45
CA GLN F 9 7.72 7.45 -5.07
C GLN F 9 6.42 6.72 -4.79
N ALA F 10 6.09 5.71 -5.60
CA ALA F 10 4.86 4.97 -5.38
C ALA F 10 4.89 4.24 -4.05
N LEU F 11 6.02 3.64 -3.67
CA LEU F 11 6.10 2.99 -2.36
C LEU F 11 5.92 3.99 -1.22
N GLU F 12 6.38 5.24 -1.41
CA GLU F 12 6.20 6.27 -0.40
C GLU F 12 4.73 6.66 -0.30
N GLU F 13 4.06 6.80 -1.44
CA GLU F 13 2.62 7.04 -1.43
C GLU F 13 1.86 5.91 -0.74
N ILE F 14 2.22 4.66 -1.04
CA ILE F 14 1.56 3.52 -0.41
C ILE F 14 1.80 3.53 1.10
N ALA F 15 3.01 3.86 1.53
CA ALA F 15 3.28 3.94 2.97
C ALA F 15 2.41 5.00 3.63
N LYS F 16 2.27 6.15 2.97
CA LYS F 16 1.41 7.21 3.49
C LYS F 16 -0.02 6.72 3.65
N ALA F 17 -0.53 6.00 2.64
CA ALA F 17 -1.90 5.48 2.72
C ALA F 17 -2.04 4.52 3.89
N LEU F 18 -1.07 3.62 4.08
CA LEU F 18 -1.17 2.64 5.16
C LEU F 18 -1.19 3.32 6.51
N LYS F 19 -0.37 4.36 6.69
CA LYS F 19 -0.36 5.11 7.94
C LYS F 19 -1.71 5.79 8.18
N LYS F 20 -2.28 6.38 7.13
CA LYS F 20 -3.59 7.00 7.28
C LYS F 20 -4.67 5.96 7.58
N ILE F 21 -4.58 4.78 6.98
CA ILE F 21 -5.56 3.74 7.27
C ILE F 21 -5.44 3.31 8.73
N ALA F 22 -4.21 3.24 9.24
CA ALA F 22 -4.02 2.93 10.65
C ALA F 22 -4.69 3.96 11.55
N TRP F 23 -4.52 5.25 11.24
CA TRP F 23 -5.16 6.30 12.04
C TRP F 23 -6.67 6.20 11.93
N ALA F 24 -7.18 5.82 10.76
CA ALA F 24 -8.62 5.62 10.63
C ALA F 24 -9.12 4.51 11.53
N LEU F 25 -8.36 3.40 11.59
CA LEU F 25 -8.76 2.31 12.47
C LEU F 25 -8.72 2.73 13.93
N LYS F 26 -7.75 3.57 14.31
CA LYS F 26 -7.73 4.06 15.68
C LYS F 26 -8.96 4.92 15.96
N LYS F 27 -9.35 5.77 15.02
CA LYS F 27 -10.54 6.59 15.23
C LYS F 27 -11.79 5.74 15.31
N ILE F 28 -11.85 4.67 14.52
CA ILE F 28 -12.99 3.76 14.59
C ILE F 28 -13.05 3.12 15.98
N ALA F 29 -11.91 2.63 16.47
CA ALA F 29 -11.87 2.06 17.81
C ALA F 29 -12.34 3.05 18.85
N GLN F 30 -11.91 4.31 18.72
CA GLN F 30 -12.26 5.34 19.69
C GLN F 30 -13.74 5.72 19.62
N GLY F 31 -14.45 5.30 18.59
CA GLY F 31 -15.87 5.55 18.50
C GLY F 31 -16.66 4.57 19.35
#